data_8I3F
#
_entry.id   8I3F
#
_cell.length_a   82.513
_cell.length_b   75.546
_cell.length_c   73.421
_cell.angle_alpha   90.00
_cell.angle_beta   114.19
_cell.angle_gamma   90.00
#
_symmetry.space_group_name_H-M   'C 1 2 1'
#
loop_
_entity.id
_entity.type
_entity.pdbx_description
1 polymer 'Chromatin modification-related protein EAF3'
2 polymer 'RCO1 isoform 1'
3 polymer 'Histone H3'
4 non-polymer 'ZINC ION'
5 water water
#
loop_
_entity_poly.entity_id
_entity_poly.type
_entity_poly.pdbx_seq_one_letter_code
_entity_poly.pdbx_strand_id
1 'polypeptide(L)'
;PKISLQIPIKLKSVLVDDWEYVTKDKKICRLPADVTVEMVLNKYEHEVSQELESPGSQSQLSEYCAGLKLYFDKCLGNML
LYRLERLQYDELLKKSSKDQKPLVPIRIYGAIHLLRLISVLPELISSTTMDLQSCQLLIKQTEDFLVWLLMHVDEYFNDK
DPNRSDDALYVNTSSQYEGVALG
;
A
2 'polypeptide(L)'
;ENEDFCSACNQSGSFLCCDTCPKSFHFLCLDPPIDPNNLPKGDWHCNECKFKIFINNSMATLKKIESNFIKQNNNVKIFA
KLLFNIDSHNPKQFQLPNYIKETFPAVKTGSRGQYSDE
;
B
3 'polypeptide(L)' ARTKQT C
#
# COMPACT_ATOMS: atom_id res chain seq x y z
N PRO A 1 6.33 -21.19 9.56
CA PRO A 1 6.54 -21.51 8.15
C PRO A 1 6.53 -20.24 7.29
N LYS A 2 7.54 -20.06 6.44
CA LYS A 2 7.55 -18.91 5.57
C LYS A 2 6.41 -19.02 4.55
N ILE A 3 5.73 -17.90 4.30
CA ILE A 3 4.70 -17.81 3.28
C ILE A 3 5.38 -17.49 1.96
N SER A 4 5.22 -18.37 0.98
CA SER A 4 5.84 -18.25 -0.33
C SER A 4 4.76 -17.90 -1.36
N LEU A 5 5.04 -16.89 -2.21
CA LEU A 5 4.14 -16.45 -3.27
C LEU A 5 4.89 -16.46 -4.58
N GLN A 6 4.35 -17.14 -5.60
CA GLN A 6 5.03 -17.27 -6.89
C GLN A 6 4.57 -16.14 -7.80
N ILE A 7 5.47 -15.20 -8.09
CA ILE A 7 5.18 -14.07 -8.97
C ILE A 7 5.99 -14.29 -10.26
N PRO A 8 5.34 -14.30 -11.41
CA PRO A 8 6.07 -14.51 -12.67
C PRO A 8 7.18 -13.47 -12.83
N ILE A 9 8.29 -13.90 -13.45
CA ILE A 9 9.46 -13.02 -13.48
C ILE A 9 9.15 -11.73 -14.24
N LYS A 10 8.31 -11.78 -15.27
CA LYS A 10 8.00 -10.54 -15.97
C LYS A 10 7.26 -9.54 -15.06
N LEU A 11 6.42 -10.03 -14.16
CA LEU A 11 5.76 -9.12 -13.23
C LEU A 11 6.70 -8.66 -12.11
N LYS A 12 7.67 -9.50 -11.70
CA LYS A 12 8.71 -9.00 -10.81
C LYS A 12 9.46 -7.88 -11.49
N SER A 13 9.73 -8.04 -12.79
CA SER A 13 10.50 -7.02 -13.51
C SER A 13 9.71 -5.71 -13.62
N VAL A 14 8.38 -5.78 -13.77
CA VAL A 14 7.52 -4.59 -13.72
C VAL A 14 7.68 -3.89 -12.38
N LEU A 15 7.75 -4.68 -11.30
CA LEU A 15 7.87 -4.06 -9.98
C LEU A 15 9.25 -3.44 -9.79
N VAL A 16 10.28 -4.03 -10.38
CA VAL A 16 11.61 -3.46 -10.24
C VAL A 16 11.73 -2.19 -11.08
N ASP A 17 11.07 -2.18 -12.23
CA ASP A 17 11.03 -0.99 -13.08
C ASP A 17 10.38 0.15 -12.29
N ASP A 18 9.28 -0.17 -11.62
CA ASP A 18 8.54 0.78 -10.80
C ASP A 18 9.46 1.37 -9.73
N TRP A 19 10.16 0.50 -9.01
CA TRP A 19 11.11 0.93 -8.00
C TRP A 19 12.13 1.88 -8.60
N GLU A 20 12.67 1.54 -9.79
CA GLU A 20 13.65 2.40 -10.44
C GLU A 20 13.02 3.73 -10.81
N TYR A 21 11.83 3.69 -11.43
CA TYR A 21 11.21 4.95 -11.88
C TYR A 21 11.00 5.90 -10.73
N VAL A 22 10.48 5.40 -9.60
CA VAL A 22 10.15 6.31 -8.50
C VAL A 22 11.40 6.73 -7.75
N THR A 23 12.24 5.76 -7.38
CA THR A 23 13.31 6.09 -6.41
C THR A 23 14.61 6.53 -7.05
N LYS A 24 14.87 6.16 -8.31
CA LYS A 24 16.00 6.70 -9.03
C LYS A 24 15.60 7.82 -9.99
N ASP A 25 14.56 7.60 -10.80
CA ASP A 25 14.24 8.62 -11.80
C ASP A 25 13.31 9.71 -11.28
N LYS A 26 12.78 9.57 -10.06
CA LYS A 26 11.92 10.59 -9.44
C LYS A 26 10.66 10.79 -10.25
N LYS A 27 10.13 9.69 -10.78
CA LYS A 27 8.83 9.73 -11.42
C LYS A 27 7.76 9.28 -10.43
N ILE A 28 6.52 9.69 -10.70
CA ILE A 28 5.39 9.12 -9.98
C ILE A 28 4.35 8.68 -11.00
N CYS A 29 3.31 8.00 -10.54
CA CYS A 29 2.30 7.57 -11.52
C CYS A 29 1.37 8.72 -11.87
N ARG A 30 0.89 8.69 -13.12
CA ARG A 30 -0.15 9.62 -13.55
CA ARG A 30 -0.14 9.62 -13.56
C ARG A 30 -1.46 9.23 -12.90
N LEU A 31 -2.04 10.14 -12.09
CA LEU A 31 -3.24 9.80 -11.34
C LEU A 31 -4.30 10.87 -11.57
N PRO A 32 -5.58 10.48 -11.62
CA PRO A 32 -6.05 9.08 -11.53
C PRO A 32 -5.63 8.27 -12.72
N ALA A 33 -5.40 6.98 -12.50
CA ALA A 33 -4.90 6.10 -13.56
C ALA A 33 -5.99 5.87 -14.60
N ASP A 34 -5.57 5.80 -15.87
CA ASP A 34 -6.54 5.52 -16.94
C ASP A 34 -7.29 4.23 -16.64
N VAL A 35 -6.59 3.24 -16.12
CA VAL A 35 -7.12 1.95 -15.70
C VAL A 35 -6.89 1.81 -14.20
N THR A 36 -7.99 1.74 -13.46
CA THR A 36 -7.88 1.72 -12.01
C THR A 36 -7.83 0.29 -11.48
N VAL A 37 -7.50 0.16 -10.20
CA VAL A 37 -7.54 -1.14 -9.53
C VAL A 37 -8.93 -1.76 -9.67
N GLU A 38 -9.98 -0.94 -9.48
CA GLU A 38 -11.34 -1.44 -9.60
C GLU A 38 -11.58 -2.00 -11.01
N MET A 39 -11.10 -1.29 -12.03
CA MET A 39 -11.26 -1.76 -13.41
C MET A 39 -10.51 -3.07 -13.65
N VAL A 40 -9.28 -3.18 -13.16
CA VAL A 40 -8.50 -4.41 -13.36
C VAL A 40 -9.22 -5.60 -12.76
N LEU A 41 -9.67 -5.44 -11.49
CA LEU A 41 -10.26 -6.57 -10.82
C LEU A 41 -11.66 -6.84 -11.34
N ASN A 42 -12.38 -5.83 -11.85
CA ASN A 42 -13.69 -6.14 -12.51
C ASN A 42 -13.48 -6.98 -13.74
N LYS A 43 -12.49 -6.59 -14.57
CA LYS A 43 -12.24 -7.35 -15.80
C LYS A 43 -11.78 -8.77 -15.47
N TYR A 44 -10.89 -8.92 -14.49
CA TYR A 44 -10.42 -10.22 -14.06
C TYR A 44 -11.57 -11.11 -13.62
N GLU A 45 -12.36 -10.63 -12.67
CA GLU A 45 -13.49 -11.44 -12.19
C GLU A 45 -14.47 -11.76 -13.31
N HIS A 46 -14.82 -10.78 -14.15
CA HIS A 46 -15.78 -11.07 -15.20
C HIS A 46 -15.24 -12.18 -16.11
N GLU A 47 -13.98 -12.07 -16.50
CA GLU A 47 -13.42 -13.03 -17.47
C GLU A 47 -13.32 -14.44 -16.87
N VAL A 48 -12.69 -14.58 -15.71
CA VAL A 48 -12.44 -15.93 -15.19
C VAL A 48 -13.70 -16.56 -14.59
N SER A 49 -14.69 -15.77 -14.19
CA SER A 49 -15.91 -16.36 -13.66
C SER A 49 -16.66 -17.12 -14.74
N GLN A 50 -16.45 -16.75 -16.01
CA GLN A 50 -17.14 -17.43 -17.10
C GLN A 50 -16.65 -18.85 -17.27
N GLU A 51 -15.36 -19.08 -17.02
CA GLU A 51 -14.71 -20.39 -17.08
C GLU A 51 -14.85 -21.18 -15.78
N LEU A 52 -15.84 -20.85 -14.96
CA LEU A 52 -16.03 -21.48 -13.66
C LEU A 52 -17.36 -22.23 -13.65
N GLU A 53 -17.32 -23.48 -13.22
CA GLU A 53 -18.53 -24.29 -13.10
C GLU A 53 -19.03 -24.36 -11.66
N SER A 54 -18.18 -24.66 -10.69
CA SER A 54 -18.71 -24.79 -9.33
C SER A 54 -19.20 -23.49 -8.69
N PRO A 55 -20.39 -23.54 -8.08
CA PRO A 55 -20.97 -22.38 -7.40
C PRO A 55 -20.05 -21.97 -6.26
N GLY A 56 -19.39 -22.95 -5.64
CA GLY A 56 -18.43 -22.63 -4.59
C GLY A 56 -17.18 -21.94 -5.13
N SER A 57 -16.78 -22.29 -6.34
CA SER A 57 -15.65 -21.62 -6.95
C SER A 57 -16.02 -20.18 -7.23
N GLN A 58 -17.20 -19.96 -7.78
CA GLN A 58 -17.64 -18.61 -8.11
C GLN A 58 -17.72 -17.76 -6.86
N SER A 59 -18.29 -18.31 -5.78
CA SER A 59 -18.36 -17.60 -4.52
C SER A 59 -16.96 -17.22 -4.04
N GLN A 60 -16.03 -18.16 -4.06
CA GLN A 60 -14.69 -17.89 -3.54
C GLN A 60 -13.99 -16.82 -4.37
N LEU A 61 -14.15 -16.87 -5.69
CA LEU A 61 -13.54 -15.85 -6.53
C LEU A 61 -14.10 -14.48 -6.19
N SER A 62 -15.43 -14.38 -6.01
CA SER A 62 -16.05 -13.10 -5.77
C SER A 62 -15.63 -12.54 -4.43
N GLU A 63 -15.51 -13.42 -3.44
CA GLU A 63 -15.09 -13.00 -2.11
C GLU A 63 -13.67 -12.50 -2.15
N TYR A 64 -12.80 -13.24 -2.84
CA TYR A 64 -11.42 -12.81 -2.96
C TYR A 64 -11.32 -11.42 -3.59
N CYS A 65 -11.98 -11.21 -4.73
CA CYS A 65 -11.87 -9.92 -5.41
C CYS A 65 -12.47 -8.79 -4.57
N ALA A 66 -13.61 -9.04 -3.93
CA ALA A 66 -14.19 -8.00 -3.07
C ALA A 66 -13.27 -7.67 -1.90
N GLY A 67 -12.68 -8.70 -1.28
CA GLY A 67 -11.80 -8.47 -0.14
C GLY A 67 -10.54 -7.76 -0.56
N LEU A 68 -9.97 -8.15 -1.70
CA LEU A 68 -8.77 -7.49 -2.19
C LEU A 68 -9.01 -6.00 -2.45
N LYS A 69 -10.16 -5.66 -3.04
CA LYS A 69 -10.50 -4.25 -3.25
C LYS A 69 -10.55 -3.51 -1.92
N LEU A 70 -11.28 -4.04 -0.95
CA LEU A 70 -11.37 -3.37 0.35
C LEU A 70 -10.00 -3.28 1.00
N TYR A 71 -9.21 -4.35 0.89
CA TYR A 71 -7.89 -4.30 1.53
C TYR A 71 -7.00 -3.28 0.84
N PHE A 72 -7.04 -3.21 -0.49
CA PHE A 72 -6.26 -2.17 -1.16
C PHE A 72 -6.67 -0.78 -0.68
N ASP A 73 -7.97 -0.53 -0.55
CA ASP A 73 -8.42 0.79 -0.08
C ASP A 73 -7.86 1.12 1.31
N LYS A 74 -7.70 0.10 2.16
CA LYS A 74 -7.19 0.34 3.51
C LYS A 74 -5.66 0.40 3.55
N CYS A 75 -4.99 -0.34 2.67
CA CYS A 75 -3.52 -0.42 2.63
C CYS A 75 -2.84 0.77 1.96
N LEU A 76 -3.48 1.40 0.98
CA LEU A 76 -2.77 2.28 0.06
C LEU A 76 -2.02 3.38 0.82
N GLY A 77 -2.76 4.13 1.63
CA GLY A 77 -2.10 5.26 2.29
C GLY A 77 -1.29 4.85 3.48
N ASN A 78 -1.43 3.62 3.92
CA ASN A 78 -0.69 3.11 5.06
C ASN A 78 0.63 2.49 4.68
N MET A 79 0.75 1.86 3.50
CA MET A 79 1.93 1.06 3.28
C MET A 79 2.33 0.85 1.81
N LEU A 80 1.60 1.42 0.85
CA LEU A 80 1.90 1.09 -0.54
C LEU A 80 2.60 2.20 -1.32
N LEU A 81 3.01 3.30 -0.68
CA LEU A 81 3.62 4.40 -1.42
C LEU A 81 5.09 4.55 -1.04
N TYR A 82 5.92 4.81 -2.06
CA TYR A 82 7.26 5.33 -1.80
C TYR A 82 7.17 6.76 -1.27
N ARG A 83 8.20 7.18 -0.54
CA ARG A 83 8.14 8.50 0.07
C ARG A 83 7.79 9.59 -0.95
N LEU A 84 8.38 9.54 -2.15
CA LEU A 84 8.13 10.60 -3.14
C LEU A 84 6.66 10.76 -3.44
N GLU A 85 5.91 9.67 -3.40
CA GLU A 85 4.51 9.72 -3.78
C GLU A 85 3.59 10.24 -2.68
N ARG A 86 4.11 10.48 -1.49
CA ARG A 86 3.23 10.94 -0.44
C ARG A 86 2.71 12.37 -0.61
N LEU A 87 3.44 13.21 -1.33
CA LEU A 87 2.96 14.56 -1.60
C LEU A 87 1.76 14.51 -2.54
N GLN A 88 1.88 13.72 -3.63
CA GLN A 88 0.76 13.48 -4.52
C GLN A 88 -0.45 12.95 -3.75
N TYR A 89 -0.21 12.01 -2.86
CA TYR A 89 -1.29 11.45 -2.05
C TYR A 89 -1.95 12.54 -1.17
N ASP A 90 -1.14 13.36 -0.51
CA ASP A 90 -1.70 14.43 0.31
C ASP A 90 -2.59 15.35 -0.53
N GLU A 91 -2.14 15.68 -1.75
CA GLU A 91 -2.92 16.54 -2.62
C GLU A 91 -4.23 15.87 -3.01
N LEU A 92 -4.19 14.57 -3.29
CA LEU A 92 -5.44 13.86 -3.60
C LEU A 92 -6.40 13.91 -2.44
N LEU A 93 -5.90 13.69 -1.22
CA LEU A 93 -6.80 13.73 -0.06
C LEU A 93 -7.41 15.10 0.12
N LYS A 94 -6.60 16.15 -0.07
CA LYS A 94 -7.08 17.51 0.12
C LYS A 94 -8.14 17.84 -0.92
N LYS A 95 -7.94 17.35 -2.14
CA LYS A 95 -8.93 17.51 -3.19
C LYS A 95 -10.23 16.80 -2.84
N SER A 96 -10.12 15.57 -2.30
CA SER A 96 -11.31 14.81 -1.90
C SER A 96 -12.07 15.53 -0.82
N SER A 97 -11.35 16.11 0.15
CA SER A 97 -12.01 16.87 1.20
C SER A 97 -12.80 18.04 0.64
N LYS A 98 -12.18 18.79 -0.27
CA LYS A 98 -12.84 19.94 -0.88
C LYS A 98 -14.14 19.49 -1.54
N ASP A 99 -14.06 18.39 -2.28
CA ASP A 99 -15.20 17.77 -2.93
C ASP A 99 -16.18 17.10 -1.96
N GLN A 100 -15.90 17.08 -0.65
CA GLN A 100 -16.78 16.47 0.36
C GLN A 100 -17.13 15.02 0.05
N LYS A 101 -16.15 14.26 -0.41
CA LYS A 101 -16.37 12.85 -0.65
C LYS A 101 -15.08 12.14 -0.30
N PRO A 102 -15.17 10.99 0.35
CA PRO A 102 -13.95 10.28 0.73
C PRO A 102 -13.15 9.79 -0.49
N LEU A 103 -11.85 9.80 -0.35
CA LEU A 103 -10.99 9.24 -1.38
C LEU A 103 -11.14 7.74 -1.39
N VAL A 104 -11.36 7.15 -2.57
CA VAL A 104 -11.50 5.71 -2.72
C VAL A 104 -10.32 5.23 -3.57
N PRO A 105 -9.29 4.64 -2.95
CA PRO A 105 -8.07 4.35 -3.71
C PRO A 105 -8.29 3.45 -4.89
N ILE A 106 -9.23 2.50 -4.84
CA ILE A 106 -9.34 1.64 -6.02
C ILE A 106 -9.90 2.36 -7.24
N ARG A 107 -10.42 3.58 -7.07
CA ARG A 107 -10.92 4.36 -8.20
C ARG A 107 -9.94 5.43 -8.63
N ILE A 108 -8.72 5.41 -8.07
CA ILE A 108 -7.70 6.42 -8.35
C ILE A 108 -6.41 5.74 -8.79
N TYR A 109 -5.90 4.81 -7.98
CA TYR A 109 -4.67 4.12 -8.29
C TYR A 109 -4.92 2.95 -9.24
N GLY A 110 -3.84 2.47 -9.84
CA GLY A 110 -3.93 1.48 -10.89
C GLY A 110 -3.18 0.20 -10.67
N ALA A 111 -2.96 -0.54 -11.76
CA ALA A 111 -2.42 -1.89 -11.63
C ALA A 111 -1.09 -1.95 -10.94
N ILE A 112 -0.21 -0.96 -11.16
CA ILE A 112 1.10 -1.10 -10.51
C ILE A 112 0.98 -1.07 -8.98
N HIS A 113 0.11 -0.22 -8.42
CA HIS A 113 -0.05 -0.23 -6.97
C HIS A 113 -0.73 -1.50 -6.47
N LEU A 114 -1.65 -2.08 -7.26
CA LEU A 114 -2.16 -3.39 -6.89
C LEU A 114 -1.06 -4.45 -6.84
N LEU A 115 -0.16 -4.43 -7.84
CA LEU A 115 0.92 -5.38 -7.87
C LEU A 115 1.86 -5.16 -6.67
N ARG A 116 2.08 -3.92 -6.28
CA ARG A 116 2.84 -3.66 -5.05
C ARG A 116 2.21 -4.37 -3.85
N LEU A 117 0.89 -4.21 -3.67
CA LEU A 117 0.20 -4.86 -2.55
C LEU A 117 0.40 -6.36 -2.63
N ILE A 118 0.22 -6.93 -3.83
CA ILE A 118 0.38 -8.38 -3.92
C ILE A 118 1.77 -8.81 -3.47
N SER A 119 2.81 -8.03 -3.81
CA SER A 119 4.16 -8.49 -3.51
C SER A 119 4.41 -8.54 -2.01
N VAL A 120 3.69 -7.76 -1.21
CA VAL A 120 3.93 -7.76 0.22
C VAL A 120 2.87 -8.58 0.97
N LEU A 121 1.97 -9.25 0.25
CA LEU A 121 1.03 -10.15 0.94
C LEU A 121 1.71 -11.20 1.79
N PRO A 122 2.82 -11.84 1.38
CA PRO A 122 3.39 -12.87 2.26
C PRO A 122 3.66 -12.37 3.66
N GLU A 123 4.35 -11.22 3.80
CA GLU A 123 4.67 -10.72 5.13
C GLU A 123 3.39 -10.30 5.87
N LEU A 124 2.44 -9.71 5.15
CA LEU A 124 1.21 -9.29 5.80
C LEU A 124 0.43 -10.48 6.31
N ILE A 125 0.37 -11.57 5.52
CA ILE A 125 -0.33 -12.77 5.98
C ILE A 125 0.36 -13.36 7.20
N SER A 126 1.69 -13.41 7.18
CA SER A 126 2.43 -13.98 8.31
C SER A 126 2.27 -13.19 9.60
N SER A 127 1.87 -11.93 9.53
CA SER A 127 1.66 -11.16 10.76
CA SER A 127 1.63 -11.12 10.72
C SER A 127 0.23 -11.26 11.30
N THR A 128 -0.61 -12.11 10.71
CA THR A 128 -1.96 -12.37 11.21
C THR A 128 -1.96 -13.73 11.92
N THR A 129 -3.11 -14.07 12.50
CA THR A 129 -3.34 -15.43 12.98
C THR A 129 -4.24 -16.23 12.04
N MET A 130 -4.18 -15.93 10.74
CA MET A 130 -4.95 -16.71 9.77
C MET A 130 -4.57 -18.18 9.87
N ASP A 131 -5.56 -19.07 9.80
CA ASP A 131 -5.20 -20.48 9.85
C ASP A 131 -4.60 -20.88 8.51
N LEU A 132 -4.00 -22.08 8.50
CA LEU A 132 -3.22 -22.45 7.32
C LEU A 132 -4.10 -22.63 6.10
N GLN A 133 -5.32 -23.15 6.28
CA GLN A 133 -6.18 -23.35 5.12
C GLN A 133 -6.50 -22.03 4.43
N SER A 134 -6.78 -20.98 5.22
CA SER A 134 -7.11 -19.70 4.59
C SER A 134 -5.88 -19.07 3.96
N CYS A 135 -4.72 -19.22 4.61
CA CYS A 135 -3.48 -18.77 4.00
C CYS A 135 -3.27 -19.43 2.64
N GLN A 136 -3.45 -20.74 2.58
CA GLN A 136 -3.29 -21.48 1.32
C GLN A 136 -4.26 -20.96 0.27
N LEU A 137 -5.53 -20.77 0.64
CA LEU A 137 -6.52 -20.31 -0.34
C LEU A 137 -6.21 -18.89 -0.83
N LEU A 138 -5.81 -18.02 0.07
CA LEU A 138 -5.50 -16.65 -0.32
C LEU A 138 -4.32 -16.64 -1.28
N ILE A 139 -3.27 -17.41 -0.98
CA ILE A 139 -2.13 -17.46 -1.89
C ILE A 139 -2.53 -18.03 -3.25
N LYS A 140 -3.33 -19.10 -3.26
CA LYS A 140 -3.73 -19.72 -4.51
C LYS A 140 -4.55 -18.76 -5.37
N GLN A 141 -5.52 -18.07 -4.75
CA GLN A 141 -6.28 -17.07 -5.50
C GLN A 141 -5.40 -15.98 -6.06
N THR A 142 -4.38 -15.55 -5.29
CA THR A 142 -3.47 -14.50 -5.75
C THR A 142 -2.63 -14.99 -6.93
N GLU A 143 -2.11 -16.22 -6.85
CA GLU A 143 -1.32 -16.75 -7.95
C GLU A 143 -2.16 -16.88 -9.22
N ASP A 144 -3.43 -17.30 -9.08
CA ASP A 144 -4.31 -17.39 -10.25
C ASP A 144 -4.52 -16.01 -10.86
N PHE A 145 -4.68 -14.99 -10.02
CA PHE A 145 -4.79 -13.64 -10.55
C PHE A 145 -3.52 -13.24 -11.29
N LEU A 146 -2.35 -13.55 -10.72
CA LEU A 146 -1.09 -13.15 -11.36
C LEU A 146 -0.92 -13.83 -12.72
N VAL A 147 -1.38 -15.09 -12.88
CA VAL A 147 -1.33 -15.75 -14.19
C VAL A 147 -2.13 -14.95 -15.21
N TRP A 148 -3.33 -14.53 -14.84
CA TRP A 148 -4.13 -13.69 -15.72
C TRP A 148 -3.45 -12.35 -15.99
N LEU A 149 -2.89 -11.73 -14.94
CA LEU A 149 -2.29 -10.41 -15.12
C LEU A 149 -1.09 -10.48 -16.05
N LEU A 150 -0.31 -11.56 -15.93
CA LEU A 150 0.82 -11.75 -16.84
C LEU A 150 0.36 -11.80 -18.30
N MET A 151 -0.79 -12.42 -18.56
CA MET A 151 -1.29 -12.48 -19.93
C MET A 151 -1.70 -11.12 -20.44
N HIS A 152 -1.89 -10.16 -19.54
CA HIS A 152 -2.32 -8.80 -19.89
C HIS A 152 -1.23 -7.78 -19.62
N VAL A 153 0.05 -8.17 -19.68
CA VAL A 153 1.06 -7.18 -19.35
C VAL A 153 1.03 -6.03 -20.34
N ASP A 154 0.69 -6.29 -21.61
CA ASP A 154 0.66 -5.19 -22.58
C ASP A 154 -0.46 -4.21 -22.27
N GLU A 155 -1.64 -4.71 -21.93
CA GLU A 155 -2.75 -3.84 -21.58
C GLU A 155 -2.42 -2.90 -20.42
N TYR A 156 -1.74 -3.39 -19.38
CA TYR A 156 -1.63 -2.65 -18.13
C TYR A 156 -0.28 -2.01 -17.86
N PHE A 157 0.78 -2.47 -18.52
CA PHE A 157 2.12 -2.00 -18.14
C PHE A 157 2.94 -1.51 -19.34
N ASN A 158 2.30 -1.14 -20.44
CA ASN A 158 3.02 -0.58 -21.58
C ASN A 158 2.98 0.95 -21.49
N ASP A 159 3.85 1.57 -22.27
CA ASP A 159 3.89 3.02 -22.39
CA ASP A 159 3.90 3.02 -22.40
C ASP A 159 4.05 3.68 -21.03
N LYS A 160 5.17 3.37 -20.39
CA LYS A 160 5.42 3.88 -19.05
C LYS A 160 6.26 5.13 -19.02
N ASP A 161 6.96 5.48 -20.09
CA ASP A 161 8.02 6.48 -20.00
C ASP A 161 7.53 7.88 -20.34
N PRO A 162 7.43 8.80 -19.36
CA PRO A 162 7.00 10.17 -19.68
C PRO A 162 8.01 10.93 -20.50
N ASN A 163 9.23 10.42 -20.70
CA ASN A 163 10.17 11.06 -21.59
C ASN A 163 10.01 10.60 -23.02
N ARG A 164 8.99 9.77 -23.30
CA ARG A 164 8.63 9.37 -24.66
C ARG A 164 7.22 9.76 -25.05
N SER A 165 6.32 9.97 -24.09
CA SER A 165 4.93 10.22 -24.40
C SER A 165 4.36 11.10 -23.30
N ASP A 166 3.51 12.06 -23.67
CA ASP A 166 2.82 12.86 -22.65
C ASP A 166 1.63 12.14 -22.04
N ASP A 167 1.37 10.91 -22.46
CA ASP A 167 0.25 10.07 -22.04
C ASP A 167 0.66 8.87 -21.21
N ALA A 168 1.89 8.83 -20.70
CA ALA A 168 2.49 7.61 -20.18
C ALA A 168 1.93 7.26 -18.81
N LEU A 169 2.25 6.04 -18.37
CA LEU A 169 1.73 5.59 -17.07
C LEU A 169 2.32 6.40 -15.93
N TYR A 170 3.53 6.92 -16.11
CA TYR A 170 4.21 7.74 -15.13
C TYR A 170 4.35 9.16 -15.66
N VAL A 171 4.59 10.10 -14.70
CA VAL A 171 4.89 11.50 -15.00
C VAL A 171 6.19 11.85 -14.31
N ASN A 172 6.93 12.79 -14.90
CA ASN A 172 8.10 13.33 -14.22
C ASN A 172 7.68 14.24 -13.09
N THR A 173 8.50 14.29 -12.06
CA THR A 173 8.30 15.31 -11.03
C THR A 173 9.21 16.49 -11.27
N SER A 174 8.73 17.66 -10.84
CA SER A 174 9.59 18.83 -10.89
C SER A 174 10.55 18.80 -9.73
N SER A 175 11.60 19.61 -9.84
CA SER A 175 12.53 19.67 -8.74
C SER A 175 11.86 20.29 -7.52
N GLN A 176 10.84 21.12 -7.74
CA GLN A 176 10.10 21.72 -6.63
C GLN A 176 9.26 20.67 -5.91
N TYR A 177 8.53 19.83 -6.66
CA TYR A 177 7.82 18.71 -6.06
C TYR A 177 8.78 17.82 -5.29
N GLU A 178 9.90 17.44 -5.91
CA GLU A 178 10.84 16.55 -5.22
C GLU A 178 11.36 17.17 -3.94
N GLY A 179 11.66 18.46 -3.97
CA GLY A 179 12.15 19.11 -2.76
C GLY A 179 11.13 19.09 -1.64
N VAL A 180 9.87 19.33 -1.98
CA VAL A 180 8.81 19.33 -0.96
C VAL A 180 8.61 17.93 -0.41
N ALA A 181 8.61 16.94 -1.30
CA ALA A 181 8.29 15.58 -0.89
C ALA A 181 9.42 14.92 -0.12
N LEU A 182 10.68 15.21 -0.45
CA LEU A 182 11.82 14.45 0.09
C LEU A 182 12.68 15.25 1.05
N GLY A 183 12.32 16.47 1.35
CA GLY A 183 13.17 17.35 2.17
C GLY A 183 14.53 17.65 1.56
N GLU B 1 12.23 10.44 25.54
CA GLU B 1 12.65 11.22 24.38
C GLU B 1 12.30 10.55 23.07
N ASN B 2 11.97 11.34 22.06
CA ASN B 2 11.54 10.76 20.78
C ASN B 2 12.72 10.51 19.86
N GLU B 3 12.48 9.66 18.87
CA GLU B 3 13.53 9.17 18.00
C GLU B 3 13.95 10.21 16.94
N ASP B 4 15.15 9.98 16.42
CA ASP B 4 15.95 10.84 15.54
C ASP B 4 15.62 10.64 14.06
N PHE B 5 14.72 9.73 13.73
CA PHE B 5 14.48 9.33 12.36
C PHE B 5 12.98 9.09 12.24
N CYS B 6 12.50 9.16 11.00
CA CYS B 6 11.10 8.82 10.72
C CYS B 6 10.87 7.31 10.82
N SER B 7 9.87 6.92 11.60
CA SER B 7 9.59 5.48 11.72
C SER B 7 9.10 4.91 10.41
N ALA B 8 8.45 5.73 9.59
CA ALA B 8 7.89 5.18 8.36
C ALA B 8 8.95 4.95 7.29
N CYS B 9 9.90 5.88 7.11
CA CYS B 9 10.85 5.77 5.99
C CYS B 9 12.32 5.73 6.43
N ASN B 10 12.59 5.85 7.73
CA ASN B 10 13.91 5.71 8.35
C ASN B 10 14.86 6.86 8.02
N GLN B 11 14.34 7.95 7.46
CA GLN B 11 15.19 9.07 7.08
C GLN B 11 15.09 10.23 8.09
N SER B 12 16.06 11.14 7.97
CA SER B 12 16.19 12.31 8.81
C SER B 12 15.23 13.41 8.38
N GLY B 13 15.21 14.50 9.15
CA GLY B 13 14.38 15.64 8.80
C GLY B 13 13.48 16.16 9.92
N SER B 14 12.35 16.76 9.54
CA SER B 14 11.41 17.37 10.48
C SER B 14 10.28 16.40 10.76
N PHE B 15 10.00 16.21 12.06
CA PHE B 15 9.04 15.21 12.50
C PHE B 15 7.97 15.79 13.42
N LEU B 16 6.83 15.15 13.37
CA LEU B 16 5.89 15.14 14.48
C LEU B 16 6.23 13.98 15.41
N CYS B 17 6.16 14.23 16.73
CA CYS B 17 6.52 13.23 17.73
C CYS B 17 5.29 12.69 18.42
N CYS B 18 5.28 11.38 18.64
CA CYS B 18 4.22 10.75 19.42
C CYS B 18 4.35 11.12 20.89
N ASP B 19 3.22 11.37 21.53
CA ASP B 19 3.22 11.73 22.94
C ASP B 19 3.12 10.54 23.88
N THR B 20 2.89 9.33 23.38
CA THR B 20 2.83 8.18 24.28
C THR B 20 3.84 7.10 23.90
N CYS B 21 4.71 7.36 22.93
CA CYS B 21 5.77 6.43 22.55
C CYS B 21 6.88 7.23 21.88
N PRO B 22 8.06 6.63 21.67
CA PRO B 22 9.20 7.43 21.19
C PRO B 22 9.19 7.72 19.69
N LYS B 23 8.19 7.24 18.95
CA LYS B 23 8.29 7.32 17.51
C LYS B 23 8.09 8.75 17.00
N SER B 24 8.75 9.05 15.89
CA SER B 24 8.61 10.33 15.21
C SER B 24 8.36 10.06 13.75
N PHE B 25 7.68 10.99 13.10
CA PHE B 25 7.25 10.78 11.70
C PHE B 25 7.35 12.07 10.91
N HIS B 26 7.82 11.98 9.64
CA HIS B 26 7.65 13.13 8.75
C HIS B 26 6.17 13.43 8.61
N PHE B 27 5.82 14.73 8.50
CA PHE B 27 4.41 15.11 8.32
C PHE B 27 3.77 14.38 7.15
N LEU B 28 4.50 14.23 6.04
CA LEU B 28 3.92 13.61 4.86
C LEU B 28 3.89 12.09 4.95
N CYS B 29 4.65 11.49 5.87
CA CYS B 29 4.66 10.03 6.01
C CYS B 29 3.51 9.52 6.85
N LEU B 30 2.76 10.41 7.48
CA LEU B 30 1.62 10.03 8.29
C LEU B 30 0.44 9.69 7.39
N ASP B 31 -0.58 9.06 7.98
CA ASP B 31 -1.77 8.66 7.23
C ASP B 31 -2.94 8.97 8.12
N PRO B 32 -3.64 10.10 7.89
CA PRO B 32 -3.36 11.01 6.78
C PRO B 32 -2.19 11.95 7.06
N PRO B 33 -1.58 12.44 5.98
CA PRO B 33 -0.54 13.46 6.12
C PRO B 33 -1.06 14.64 6.93
N ILE B 34 -0.19 15.16 7.81
CA ILE B 34 -0.48 16.29 8.68
C ILE B 34 0.12 17.53 8.03
N ASP B 35 -0.66 18.60 7.97
CA ASP B 35 -0.20 19.87 7.38
C ASP B 35 0.62 20.67 8.39
N PRO B 36 1.89 21.00 8.10
CA PRO B 36 2.69 21.74 9.09
C PRO B 36 2.22 23.17 9.32
N ASN B 37 1.31 23.66 8.50
CA ASN B 37 0.72 24.98 8.66
C ASN B 37 -0.54 24.89 9.50
N ASN B 38 -0.93 23.69 9.91
CA ASN B 38 -2.13 23.47 10.72
C ASN B 38 -1.87 22.33 11.70
N LEU B 39 -0.86 22.48 12.55
CA LEU B 39 -0.45 21.38 13.41
C LEU B 39 -1.48 21.21 14.54
N PRO B 40 -1.68 19.98 15.02
CA PRO B 40 -2.59 19.78 16.16
C PRO B 40 -2.14 20.58 17.38
N LYS B 41 -3.10 21.22 18.08
CA LYS B 41 -2.71 22.06 19.21
CA LYS B 41 -2.75 22.07 19.21
C LYS B 41 -2.47 21.26 20.48
N GLY B 42 -3.21 20.17 20.68
CA GLY B 42 -3.05 19.33 21.85
C GLY B 42 -2.06 18.22 21.61
N ASP B 43 -2.12 17.20 22.48
CA ASP B 43 -1.28 16.03 22.29
C ASP B 43 -1.56 15.38 20.95
N TRP B 44 -0.60 14.59 20.50
CA TRP B 44 -0.76 13.81 19.28
C TRP B 44 -0.21 12.40 19.50
N HIS B 45 -0.92 11.40 18.99
CA HIS B 45 -0.50 10.02 19.14
C HIS B 45 -0.41 9.30 17.80
N CYS B 46 0.59 8.43 17.65
CA CYS B 46 0.70 7.66 16.42
C CYS B 46 -0.44 6.65 16.31
N ASN B 47 -0.61 6.09 15.09
CA ASN B 47 -1.71 5.16 14.86
C ASN B 47 -1.64 3.99 15.82
N GLU B 48 -0.43 3.47 16.07
CA GLU B 48 -0.24 2.33 16.98
C GLU B 48 -0.70 2.67 18.39
N CYS B 49 -0.28 3.83 18.90
CA CYS B 49 -0.74 4.29 20.21
C CYS B 49 -2.23 4.57 20.22
N LYS B 50 -2.74 5.20 19.16
CA LYS B 50 -4.17 5.47 19.06
C LYS B 50 -4.97 4.19 19.21
N PHE B 51 -4.49 3.10 18.58
CA PHE B 51 -5.18 1.82 18.65
C PHE B 51 -5.19 1.28 20.07
N LYS B 52 -4.05 1.31 20.74
CA LYS B 52 -4.00 0.81 22.12
C LYS B 52 -4.84 1.69 23.04
N ILE B 53 -4.85 3.01 22.79
CA ILE B 53 -5.71 3.90 23.56
C ILE B 53 -7.17 3.52 23.33
N PHE B 54 -7.52 3.22 22.09
CA PHE B 54 -8.86 2.74 21.76
C PHE B 54 -9.17 1.47 22.55
N ILE B 55 -8.33 0.44 22.40
CA ILE B 55 -8.58 -0.86 23.02
C ILE B 55 -8.79 -0.70 24.53
N ASN B 56 -7.88 0.01 25.19
CA ASN B 56 -7.93 0.07 26.66
C ASN B 56 -9.24 0.67 27.15
N ASN B 57 -9.71 1.71 26.47
CA ASN B 57 -10.93 2.39 26.85
C ASN B 57 -12.15 1.68 26.29
N SER B 58 -11.98 0.42 25.92
CA SER B 58 -13.09 -0.35 25.38
C SER B 58 -13.62 -1.29 26.44
N MET B 59 -14.93 -1.50 26.43
CA MET B 59 -15.56 -2.38 27.39
C MET B 59 -15.19 -3.82 27.06
N ALA B 60 -15.06 -4.11 25.77
CA ALA B 60 -14.72 -5.46 25.31
C ALA B 60 -13.21 -5.68 25.22
N THR B 61 -12.81 -6.94 25.04
CA THR B 61 -11.40 -7.28 24.94
C THR B 61 -10.93 -7.28 23.48
N LEU B 62 -9.63 -7.14 23.29
CA LEU B 62 -9.09 -7.13 21.92
C LEU B 62 -9.47 -8.41 21.17
N LYS B 63 -9.57 -9.54 21.88
CA LYS B 63 -10.00 -10.77 21.23
C LYS B 63 -11.46 -10.66 20.80
N LYS B 64 -12.31 -10.07 21.64
CA LYS B 64 -13.72 -9.92 21.29
C LYS B 64 -13.90 -8.88 20.21
N ILE B 65 -13.21 -7.74 20.32
CA ILE B 65 -13.22 -6.71 19.29
C ILE B 65 -12.90 -7.33 17.93
N GLU B 66 -11.84 -8.14 17.88
CA GLU B 66 -11.44 -8.80 16.65
C GLU B 66 -12.53 -9.75 16.17
N SER B 67 -13.16 -10.46 17.11
CA SER B 67 -14.19 -11.44 16.77
C SER B 67 -15.39 -10.80 16.11
N ASN B 68 -15.87 -9.67 16.66
CA ASN B 68 -17.04 -9.02 16.09
C ASN B 68 -16.76 -8.45 14.72
N PHE B 69 -15.54 -7.93 14.51
CA PHE B 69 -15.14 -7.43 13.20
C PHE B 69 -15.22 -8.52 12.15
N ILE B 70 -14.66 -9.69 12.46
CA ILE B 70 -14.69 -10.80 11.51
C ILE B 70 -16.13 -11.18 11.17
N LYS B 71 -16.99 -11.27 12.20
CA LYS B 71 -18.41 -11.51 11.93
C LYS B 71 -18.97 -10.41 11.03
N GLN B 72 -18.63 -9.16 11.33
CA GLN B 72 -19.13 -8.04 10.55
C GLN B 72 -18.64 -8.06 9.11
N ASN B 73 -17.55 -8.76 8.83
CA ASN B 73 -16.93 -8.74 7.51
C ASN B 73 -16.97 -10.11 6.85
N ASN B 74 -18.02 -10.90 7.12
CA ASN B 74 -18.11 -12.26 6.59
C ASN B 74 -18.19 -12.28 5.06
N ASN B 75 -18.69 -11.21 4.45
CA ASN B 75 -18.72 -11.14 3.00
C ASN B 75 -17.33 -11.12 2.39
N VAL B 76 -16.30 -10.79 3.18
CA VAL B 76 -14.92 -10.75 2.69
C VAL B 76 -14.06 -11.54 3.68
N LYS B 77 -14.58 -12.68 4.12
CA LYS B 77 -14.02 -13.40 5.27
C LYS B 77 -12.52 -13.68 5.12
N ILE B 78 -12.05 -14.06 3.93
CA ILE B 78 -10.65 -14.43 3.77
C ILE B 78 -9.72 -13.27 4.04
N PHE B 79 -10.21 -12.04 3.88
CA PHE B 79 -9.41 -10.86 4.16
C PHE B 79 -9.70 -10.22 5.53
N ALA B 80 -10.60 -10.80 6.34
CA ALA B 80 -11.08 -10.09 7.51
C ALA B 80 -9.96 -9.87 8.53
N LYS B 81 -9.10 -10.86 8.74
CA LYS B 81 -8.00 -10.67 9.70
C LYS B 81 -6.99 -9.66 9.17
N LEU B 82 -6.70 -9.71 7.88
CA LEU B 82 -5.80 -8.72 7.30
C LEU B 82 -6.36 -7.31 7.47
N LEU B 83 -7.67 -7.15 7.22
CA LEU B 83 -8.30 -5.84 7.34
C LEU B 83 -8.27 -5.36 8.78
N PHE B 84 -8.55 -6.24 9.74
CA PHE B 84 -8.57 -5.81 11.13
C PHE B 84 -7.19 -5.34 11.60
N ASN B 85 -6.12 -5.96 11.10
CA ASN B 85 -4.78 -5.62 11.59
C ASN B 85 -4.33 -4.23 11.16
N ILE B 86 -4.92 -3.66 10.09
CA ILE B 86 -4.38 -2.42 9.53
C ILE B 86 -4.27 -1.34 10.61
N ASP B 87 -5.32 -1.15 11.39
CA ASP B 87 -5.36 0.00 12.28
C ASP B 87 -4.43 -0.14 13.49
N SER B 88 -3.88 -1.32 13.73
CA SER B 88 -2.94 -1.45 14.83
C SER B 88 -1.49 -1.19 14.42
N HIS B 89 -1.24 -0.89 13.15
CA HIS B 89 0.12 -0.72 12.64
C HIS B 89 0.31 0.69 12.09
N ASN B 90 1.45 1.30 12.45
CA ASN B 90 1.77 2.62 11.93
C ASN B 90 2.03 2.58 10.43
N PRO B 91 1.90 3.72 9.75
CA PRO B 91 2.23 3.75 8.31
C PRO B 91 3.71 3.54 8.11
N LYS B 92 4.05 3.01 6.94
CA LYS B 92 5.44 2.81 6.58
C LYS B 92 5.61 3.05 5.09
N GLN B 93 6.84 3.29 4.70
CA GLN B 93 7.16 3.40 3.28
C GLN B 93 7.10 2.03 2.61
N PHE B 94 6.55 1.99 1.37
CA PHE B 94 6.62 0.74 0.63
C PHE B 94 8.07 0.38 0.31
N GLN B 95 8.40 -0.93 0.42
CA GLN B 95 9.70 -1.46 0.01
C GLN B 95 9.44 -2.82 -0.63
N LEU B 96 10.09 -3.10 -1.78
CA LEU B 96 9.93 -4.44 -2.37
C LEU B 96 10.58 -5.50 -1.49
N PRO B 97 9.92 -6.63 -1.31
CA PRO B 97 10.52 -7.71 -0.51
C PRO B 97 11.75 -8.27 -1.18
N ASN B 98 12.59 -8.90 -0.35
CA ASN B 98 13.82 -9.49 -0.86
C ASN B 98 13.57 -10.60 -1.87
N TYR B 99 12.46 -11.33 -1.80
CA TYR B 99 12.32 -12.41 -2.79
C TYR B 99 12.09 -11.85 -4.18
N ILE B 100 11.71 -10.58 -4.30
CA ILE B 100 11.66 -9.93 -5.60
C ILE B 100 13.00 -9.36 -5.96
N LYS B 101 13.59 -8.59 -5.06
CA LYS B 101 14.87 -7.94 -5.36
C LYS B 101 15.95 -8.93 -5.72
N GLU B 102 15.96 -10.11 -5.06
CA GLU B 102 17.08 -11.03 -5.24
C GLU B 102 17.08 -11.68 -6.61
N THR B 103 15.96 -11.61 -7.32
CA THR B 103 15.83 -12.11 -8.67
C THR B 103 16.67 -11.29 -9.65
N PHE B 104 17.16 -10.13 -9.24
CA PHE B 104 17.84 -9.19 -10.12
C PHE B 104 19.20 -8.81 -9.53
N PRO B 105 20.21 -9.67 -9.76
CA PRO B 105 21.51 -9.50 -9.08
C PRO B 105 22.30 -8.27 -9.50
N ALA B 106 21.97 -7.66 -10.64
CA ALA B 106 22.68 -6.46 -11.05
C ALA B 106 22.17 -5.22 -10.35
N VAL B 107 21.04 -5.33 -9.63
CA VAL B 107 20.40 -4.20 -8.96
C VAL B 107 20.76 -4.25 -7.48
N LYS B 108 21.11 -3.08 -6.93
CA LYS B 108 21.46 -2.89 -5.53
C LYS B 108 20.45 -1.97 -4.88
N THR B 109 20.37 -2.01 -3.56
CA THR B 109 19.58 -1.07 -2.78
C THR B 109 20.54 -0.08 -2.14
N GLY B 110 20.34 1.21 -2.41
CA GLY B 110 21.17 2.24 -1.81
C GLY B 110 20.77 2.56 -0.38
N SER B 111 21.49 3.53 0.22
CA SER B 111 21.32 3.77 1.66
C SER B 111 19.96 4.31 2.08
N ARG B 112 19.18 4.93 1.18
CA ARG B 112 17.82 5.34 1.48
C ARG B 112 16.79 4.43 0.84
N GLY B 113 17.15 3.17 0.53
CA GLY B 113 16.21 2.30 -0.15
C GLY B 113 16.15 2.46 -1.64
N GLN B 114 16.93 3.36 -2.23
CA GLN B 114 16.77 3.65 -3.65
C GLN B 114 17.35 2.54 -4.53
N TYR B 115 16.68 2.32 -5.65
CA TYR B 115 17.21 1.51 -6.73
C TYR B 115 18.56 2.03 -7.19
N SER B 116 19.51 1.13 -7.34
CA SER B 116 20.80 1.53 -7.86
C SER B 116 21.25 0.46 -8.83
N ASP B 117 21.75 0.86 -9.99
CA ASP B 117 22.37 -0.12 -10.89
C ASP B 117 23.77 0.34 -11.25
N GLU B 118 24.49 0.84 -10.23
CA GLU B 118 25.92 1.18 -10.30
C GLU B 118 26.17 2.26 -11.34
N ALA C 1 0.99 19.60 20.25
CA ALA C 1 1.80 18.54 19.67
C ALA C 1 3.26 18.95 19.66
N ARG C 2 4.16 17.97 19.75
CA ARG C 2 5.60 18.23 19.76
C ARG C 2 6.22 17.88 18.42
N THR C 3 7.22 18.66 18.03
CA THR C 3 7.99 18.40 16.82
C THR C 3 9.46 18.18 17.20
N LYS C 4 10.24 17.76 16.22
CA LYS C 4 11.64 17.44 16.42
C LYS C 4 12.32 17.53 15.06
N GLN C 5 13.57 18.02 15.05
CA GLN C 5 14.38 18.05 13.84
C GLN C 5 15.68 17.31 14.09
N THR C 6 16.09 16.53 13.09
CA THR C 6 17.24 15.65 13.21
C THR C 6 17.54 14.98 11.88
#